data_6VAN
#
_entry.id   6VAN
#
_cell.length_a   48.026
_cell.length_b   32.632
_cell.length_c   85.955
_cell.angle_alpha   90.000
_cell.angle_beta   105.190
_cell.angle_gamma   90.000
#
_symmetry.space_group_name_H-M   'P 1 21 1'
#
loop_
_entity.id
_entity.type
_entity.pdbx_description
1 polymer 'Caltubin, EF-hand'
2 non-polymer 'STRONTIUM ION'
3 non-polymer 1,2-ETHANEDIOL
4 non-polymer 'UNKNOWN ATOM OR ION'
5 water water
#
_entity_poly.entity_id   1
_entity_poly.type   'polypeptide(L)'
_entity_poly.pdbx_seq_one_letter_code
;GVPFLTELKERFIRWLDHDNDGQSTFDEVKNYIRRFKPDVTDQTVAAFISRRDSNGNGAIDFVPEYVHD(MSE)AAPDYT
LEGANEWFKLQDTNDDSFVTEAELVKVAEAVG(MSE)SPEEALDTVQGYY(MSE)SADANKDGKLSLDEFKTLYSP
;
_entity_poly.pdbx_strand_id   A,B
#
loop_
_chem_comp.id
_chem_comp.type
_chem_comp.name
_chem_comp.formula
EDO non-polymer 1,2-ETHANEDIOL 'C2 H6 O2'
SR non-polymer 'STRONTIUM ION' 'Sr 2'
UNX non-polymer 'UNKNOWN ATOM OR ION' ?
#
# COMPACT_ATOMS: atom_id res chain seq x y z
N GLY A 1 -9.70 -2.58 -4.15
CA GLY A 1 -10.28 -2.89 -2.79
C GLY A 1 -9.97 -1.81 -1.78
N VAL A 2 -10.38 -2.01 -0.53
CA VAL A 2 -10.26 -1.04 0.59
C VAL A 2 -8.98 -1.35 1.35
N PRO A 3 -8.05 -0.38 1.52
CA PRO A 3 -6.84 -0.64 2.27
C PRO A 3 -7.08 -0.65 3.79
N PHE A 4 -6.15 -1.23 4.52
CA PHE A 4 -6.09 -1.21 5.99
C PHE A 4 -5.48 0.16 6.39
N LEU A 5 -6.25 1.04 7.05
CA LEU A 5 -5.78 2.41 7.33
C LEU A 5 -4.54 2.38 8.21
N THR A 6 -4.44 1.43 9.13
CA THR A 6 -3.28 1.34 10.04
C THR A 6 -2.03 1.03 9.21
N GLU A 7 -2.17 0.20 8.18
CA GLU A 7 -1.02 -0.10 7.31
C GLU A 7 -0.67 1.12 6.49
N LEU A 8 -1.66 1.86 5.99
N LEU A 8 -1.68 1.88 6.06
CA LEU A 8 -1.38 3.14 5.28
CA LEU A 8 -1.48 3.12 5.30
C LEU A 8 -0.53 4.02 6.19
C LEU A 8 -0.69 4.14 6.14
N LYS A 9 -0.93 4.18 7.44
CA LYS A 9 -0.17 5.05 8.37
C LYS A 9 1.25 4.53 8.54
N GLU A 10 1.44 3.22 8.78
CA GLU A 10 2.79 2.63 9.00
C GLU A 10 3.65 2.88 7.76
N ARG A 11 3.06 2.79 6.57
CA ARG A 11 3.73 3.03 5.27
C ARG A 11 4.12 4.50 5.13
N PHE A 12 3.22 5.40 5.48
CA PHE A 12 3.41 6.86 5.40
C PHE A 12 4.60 7.24 6.29
N ILE A 13 4.62 6.73 7.51
CA ILE A 13 5.74 6.95 8.48
C ILE A 13 7.03 6.44 7.85
N ARG A 14 7.07 5.18 7.44
CA ARG A 14 8.31 4.46 7.04
C ARG A 14 8.91 5.06 5.75
N TRP A 15 8.09 5.62 4.86
N TRP A 15 8.12 5.68 4.87
CA TRP A 15 8.50 6.17 3.52
CA TRP A 15 8.58 6.19 3.55
C TRP A 15 8.65 7.70 3.57
C TRP A 15 8.65 7.73 3.53
N LEU A 16 7.61 8.42 4.01
CA LEU A 16 7.40 9.87 3.71
C LEU A 16 7.48 10.77 4.96
N ASP A 17 7.21 10.27 6.15
CA ASP A 17 7.04 11.12 7.36
C ASP A 17 7.64 10.41 8.56
N HIS A 18 8.96 10.27 8.61
CA HIS A 18 9.67 9.47 9.63
C HIS A 18 9.33 9.95 11.05
N ASP A 19 8.98 11.25 11.21
CA ASP A 19 8.72 11.94 12.51
C ASP A 19 7.24 11.83 12.91
N ASN A 20 6.41 11.26 12.04
CA ASN A 20 4.96 11.10 12.30
C ASN A 20 4.35 12.44 12.73
N ASP A 21 4.67 13.56 12.07
CA ASP A 21 4.05 14.87 12.40
C ASP A 21 2.79 15.07 11.54
N GLY A 22 2.53 14.17 10.59
CA GLY A 22 1.32 14.16 9.75
C GLY A 22 1.59 14.75 8.37
N GLN A 23 2.77 15.32 8.14
CA GLN A 23 3.15 15.97 6.86
C GLN A 23 4.44 15.35 6.30
N SER A 24 4.47 15.16 4.99
CA SER A 24 5.71 14.88 4.22
C SER A 24 6.08 16.16 3.48
N THR A 25 7.08 16.85 4.03
CA THR A 25 7.64 18.09 3.49
C THR A 25 8.68 17.73 2.42
N PHE A 26 9.14 18.74 1.70
CA PHE A 26 10.03 18.64 0.52
C PHE A 26 11.18 17.64 0.75
N ASP A 27 12.01 17.88 1.76
CA ASP A 27 13.25 17.09 2.00
C ASP A 27 12.89 15.64 2.34
N GLU A 28 11.69 15.42 2.86
CA GLU A 28 11.22 14.07 3.23
C GLU A 28 10.83 13.32 1.97
N VAL A 29 10.11 13.99 1.07
CA VAL A 29 9.68 13.38 -0.23
C VAL A 29 10.97 13.15 -1.03
N LYS A 30 11.91 14.10 -1.00
CA LYS A 30 13.19 13.99 -1.74
C LYS A 30 13.99 12.80 -1.25
N ASN A 31 14.17 12.63 0.05
CA ASN A 31 14.91 11.49 0.66
C ASN A 31 14.21 10.18 0.29
N TYR A 32 12.89 10.20 0.19
CA TYR A 32 12.07 9.06 -0.29
C TYR A 32 12.46 8.71 -1.74
N ILE A 33 12.30 9.64 -2.67
CA ILE A 33 12.56 9.37 -4.12
C ILE A 33 14.05 9.10 -4.33
N ARG A 34 14.94 9.72 -3.55
CA ARG A 34 16.40 9.57 -3.73
C ARG A 34 16.85 8.12 -3.53
N ARG A 35 16.13 7.35 -2.72
CA ARG A 35 16.42 5.92 -2.51
C ARG A 35 16.56 5.23 -3.88
N PHE A 36 15.70 5.57 -4.84
CA PHE A 36 15.60 4.82 -6.14
C PHE A 36 15.85 5.71 -7.37
N LYS A 37 15.85 7.04 -7.23
CA LYS A 37 16.36 7.95 -8.28
C LYS A 37 17.27 8.93 -7.56
N PRO A 38 18.52 8.53 -7.24
CA PRO A 38 19.40 9.33 -6.39
C PRO A 38 19.64 10.77 -6.89
N ASP A 39 19.64 10.97 -8.21
N ASP A 39 19.59 10.97 -8.22
CA ASP A 39 19.87 12.30 -8.83
CA ASP A 39 19.87 12.26 -8.90
C ASP A 39 18.52 12.86 -9.30
C ASP A 39 18.57 13.04 -9.14
N VAL A 40 17.45 12.62 -8.53
CA VAL A 40 16.13 13.26 -8.78
C VAL A 40 16.26 14.77 -8.58
N THR A 41 15.64 15.52 -9.47
CA THR A 41 15.65 16.99 -9.45
C THR A 41 14.66 17.50 -8.41
N ASP A 42 14.93 18.68 -7.89
CA ASP A 42 14.03 19.39 -6.95
C ASP A 42 12.67 19.60 -7.61
N GLN A 43 12.61 19.90 -8.91
CA GLN A 43 11.33 20.17 -9.61
C GLN A 43 10.50 18.88 -9.73
N THR A 44 11.13 17.73 -9.98
CA THR A 44 10.38 16.45 -10.00
C THR A 44 9.69 16.27 -8.65
N VAL A 45 10.46 16.46 -7.56
CA VAL A 45 9.98 16.30 -6.16
C VAL A 45 8.78 17.24 -5.97
N ALA A 46 8.85 18.47 -6.47
CA ALA A 46 7.78 19.49 -6.31
C ALA A 46 6.51 19.04 -7.02
N ALA A 47 6.60 18.46 -8.23
CA ALA A 47 5.44 18.04 -9.06
C ALA A 47 4.72 16.84 -8.42
N PHE A 48 5.51 15.94 -7.82
CA PHE A 48 5.02 14.76 -7.05
C PHE A 48 4.11 15.27 -5.92
N ILE A 49 4.62 16.25 -5.16
CA ILE A 49 3.87 16.85 -4.05
C ILE A 49 2.60 17.54 -4.62
N SER A 50 2.71 18.31 -5.72
N SER A 50 2.73 18.29 -5.72
CA SER A 50 1.61 19.12 -6.28
CA SER A 50 1.64 19.12 -6.31
C SER A 50 0.41 18.26 -6.71
C SER A 50 0.42 18.27 -6.71
N ARG A 51 0.63 17.07 -7.27
CA ARG A 51 -0.50 16.21 -7.71
C ARG A 51 -1.34 15.77 -6.50
N ARG A 52 -0.73 15.73 -5.31
CA ARG A 52 -1.35 15.22 -4.06
C ARG A 52 -1.82 16.39 -3.16
N ASP A 53 -1.35 17.61 -3.38
CA ASP A 53 -1.45 18.71 -2.39
C ASP A 53 -2.74 19.51 -2.59
N SER A 54 -3.90 18.93 -2.29
CA SER A 54 -5.23 19.55 -2.54
C SER A 54 -5.46 20.78 -1.64
N ASN A 55 -4.76 20.92 -0.51
CA ASN A 55 -4.95 22.09 0.40
C ASN A 55 -3.86 23.13 0.13
N GLY A 56 -2.93 22.85 -0.80
CA GLY A 56 -1.95 23.83 -1.32
C GLY A 56 -0.97 24.31 -0.27
N ASN A 57 -0.65 23.51 0.75
CA ASN A 57 0.29 23.90 1.84
C ASN A 57 1.72 23.44 1.51
N GLY A 58 1.96 22.96 0.28
CA GLY A 58 3.28 22.56 -0.24
C GLY A 58 3.79 21.25 0.35
N ALA A 59 2.94 20.49 1.06
CA ALA A 59 3.32 19.26 1.76
C ALA A 59 2.26 18.19 1.47
N ILE A 60 2.64 16.92 1.57
CA ILE A 60 1.63 15.82 1.50
C ILE A 60 1.17 15.56 2.93
N ASP A 61 -0.12 15.78 3.19
CA ASP A 61 -0.73 15.59 4.51
C ASP A 61 -1.28 14.16 4.56
N PHE A 62 -0.95 13.39 5.59
CA PHE A 62 -1.54 12.03 5.74
C PHE A 62 -3.06 12.15 5.64
N VAL A 63 -3.64 13.07 6.40
CA VAL A 63 -5.08 13.40 6.26
C VAL A 63 -5.20 14.87 5.86
N PRO A 64 -6.02 15.20 4.83
CA PRO A 64 -6.84 14.24 4.08
C PRO A 64 -6.18 13.56 2.87
N GLU A 65 -4.99 14.04 2.46
CA GLU A 65 -4.47 13.83 1.09
C GLU A 65 -4.03 12.39 0.87
N TYR A 66 -3.17 11.84 1.72
CA TYR A 66 -2.65 10.47 1.50
C TYR A 66 -3.82 9.49 1.65
N VAL A 67 -4.68 9.66 2.63
CA VAL A 67 -5.81 8.71 2.84
C VAL A 67 -6.74 8.79 1.63
N HIS A 68 -7.08 10.00 1.17
CA HIS A 68 -8.00 10.21 0.02
C HIS A 68 -7.43 9.45 -1.19
N ASP A 69 -6.14 9.66 -1.48
CA ASP A 69 -5.45 9.11 -2.67
C ASP A 69 -5.42 7.59 -2.62
N MSE A 70 -5.13 7.04 -1.43
CA MSE A 70 -4.89 5.61 -1.27
C MSE A 70 -6.17 4.85 -0.93
O MSE A 70 -6.19 3.64 -1.12
CB MSE A 70 -3.86 5.36 -0.16
CG MSE A 70 -2.51 5.95 -0.47
SE MSE A 70 -1.67 4.88 -1.85
CE MSE A 70 -0.29 6.03 -2.60
N ALA A 71 -7.20 5.52 -0.40
CA ALA A 71 -8.43 4.83 -0.02
C ALA A 71 -9.12 4.27 -1.26
N ALA A 72 -8.97 4.95 -2.40
CA ALA A 72 -9.62 4.64 -3.69
C ALA A 72 -8.57 4.67 -4.78
N PRO A 73 -7.64 3.70 -4.83
CA PRO A 73 -6.63 3.69 -5.88
C PRO A 73 -7.35 3.40 -7.21
N ASP A 74 -6.87 4.04 -8.25
CA ASP A 74 -7.47 3.95 -9.60
C ASP A 74 -6.35 4.18 -10.59
N TYR A 75 -6.54 3.75 -11.81
CA TYR A 75 -5.57 3.94 -12.89
C TYR A 75 -5.83 5.25 -13.61
N THR A 76 -4.78 6.04 -13.82
CA THR A 76 -4.74 7.09 -14.85
C THR A 76 -3.39 7.05 -15.56
N LEU A 77 -3.35 7.46 -16.81
CA LEU A 77 -2.07 7.50 -17.54
C LEU A 77 -1.13 8.46 -16.82
N GLU A 78 -1.62 9.63 -16.40
CA GLU A 78 -0.77 10.63 -15.71
C GLU A 78 -0.12 10.02 -14.46
N GLY A 79 -0.89 9.29 -13.67
CA GLY A 79 -0.38 8.65 -12.45
C GLY A 79 0.63 7.56 -12.79
N ALA A 80 0.34 6.73 -13.78
CA ALA A 80 1.29 5.70 -14.24
C ALA A 80 2.58 6.36 -14.74
N ASN A 81 2.46 7.44 -15.51
CA ASN A 81 3.62 8.14 -16.07
C ASN A 81 4.53 8.67 -14.96
N GLU A 82 3.95 9.10 -13.86
CA GLU A 82 4.78 9.63 -12.76
C GLU A 82 5.72 8.53 -12.26
N TRP A 83 5.23 7.32 -12.04
CA TRP A 83 6.09 6.19 -11.58
C TRP A 83 7.04 5.76 -12.71
N PHE A 84 6.56 5.80 -13.95
CA PHE A 84 7.42 5.49 -15.12
C PHE A 84 8.64 6.43 -15.09
N LYS A 85 8.40 7.74 -15.00
CA LYS A 85 9.48 8.74 -15.03
C LYS A 85 10.42 8.55 -13.84
N LEU A 86 9.90 8.22 -12.68
CA LEU A 86 10.78 8.02 -11.49
C LEU A 86 11.66 6.77 -11.66
N GLN A 87 11.22 5.78 -12.42
CA GLN A 87 12.00 4.54 -12.69
C GLN A 87 12.93 4.72 -13.88
N ASP A 88 12.72 5.76 -14.66
CA ASP A 88 13.52 6.04 -15.88
C ASP A 88 14.75 6.81 -15.44
N THR A 89 15.72 6.09 -14.88
CA THR A 89 16.84 6.72 -14.14
C THR A 89 17.62 7.68 -15.05
N ASN A 90 17.75 7.40 -16.34
CA ASN A 90 18.54 8.24 -17.26
C ASN A 90 17.62 9.12 -18.11
N ASP A 91 16.30 9.13 -17.86
CA ASP A 91 15.35 10.05 -18.52
C ASP A 91 15.42 9.89 -20.04
N ASP A 92 15.51 8.67 -20.55
CA ASP A 92 15.53 8.43 -22.01
C ASP A 92 14.16 7.93 -22.51
N SER A 93 13.15 7.91 -21.64
CA SER A 93 11.73 7.56 -21.94
C SER A 93 11.55 6.05 -22.16
N PHE A 94 12.45 5.25 -21.64
CA PHE A 94 12.29 3.78 -21.51
C PHE A 94 12.74 3.37 -20.13
N VAL A 95 12.08 2.36 -19.56
CA VAL A 95 12.58 1.72 -18.31
C VAL A 95 13.16 0.38 -18.70
N THR A 96 14.47 0.23 -18.54
CA THR A 96 15.13 -1.04 -18.88
C THR A 96 14.96 -2.06 -17.76
N GLU A 97 15.18 -3.31 -18.10
CA GLU A 97 15.19 -4.36 -17.09
C GLU A 97 16.15 -3.93 -15.97
N ALA A 98 17.35 -3.46 -16.29
CA ALA A 98 18.35 -3.15 -15.24
C ALA A 98 17.88 -1.98 -14.37
N GLU A 99 17.29 -0.94 -14.96
CA GLU A 99 16.77 0.20 -14.17
C GLU A 99 15.68 -0.30 -13.21
N LEU A 100 14.76 -1.15 -13.68
CA LEU A 100 13.65 -1.64 -12.85
C LEU A 100 14.18 -2.51 -11.70
N VAL A 101 15.19 -3.31 -11.97
CA VAL A 101 15.78 -4.21 -10.93
C VAL A 101 16.48 -3.35 -9.89
N LYS A 102 17.25 -2.36 -10.32
CA LYS A 102 17.92 -1.47 -9.35
C LYS A 102 16.90 -0.77 -8.47
N VAL A 103 15.80 -0.31 -9.04
CA VAL A 103 14.76 0.37 -8.24
C VAL A 103 14.17 -0.63 -7.24
N ALA A 104 13.90 -1.84 -7.67
CA ALA A 104 13.31 -2.87 -6.78
C ALA A 104 14.25 -3.15 -5.60
N GLU A 105 15.55 -3.24 -5.85
CA GLU A 105 16.54 -3.48 -4.76
C GLU A 105 16.51 -2.26 -3.82
N ALA A 106 16.44 -1.07 -4.38
CA ALA A 106 16.50 0.18 -3.61
C ALA A 106 15.33 0.31 -2.65
N VAL A 107 14.17 -0.30 -2.95
CA VAL A 107 12.96 -0.20 -2.10
C VAL A 107 12.83 -1.42 -1.18
N GLY A 108 13.83 -2.29 -1.15
CA GLY A 108 13.93 -3.30 -0.08
C GLY A 108 13.81 -4.73 -0.55
N MSE A 109 13.85 -4.98 -1.86
CA MSE A 109 13.86 -6.36 -2.33
C MSE A 109 15.28 -6.88 -2.41
O MSE A 109 16.22 -6.12 -2.64
CB MSE A 109 13.22 -6.47 -3.72
CG MSE A 109 11.75 -6.55 -3.63
SE MSE A 109 10.94 -6.95 -5.35
CE MSE A 109 9.91 -5.35 -5.42
N SER A 110 15.42 -8.20 -2.22
CA SER A 110 16.70 -8.88 -2.41
C SER A 110 17.04 -8.91 -3.90
N PRO A 111 18.30 -9.21 -4.28
CA PRO A 111 18.64 -9.29 -5.69
C PRO A 111 17.74 -10.24 -6.46
N GLU A 112 17.49 -11.44 -5.94
CA GLU A 112 16.68 -12.47 -6.64
C GLU A 112 15.21 -12.05 -6.68
N GLU A 113 14.68 -11.45 -5.62
CA GLU A 113 13.29 -10.97 -5.60
C GLU A 113 13.13 -9.90 -6.65
N ALA A 114 14.09 -8.98 -6.75
CA ALA A 114 14.05 -7.90 -7.76
C ALA A 114 14.10 -8.50 -9.15
N LEU A 115 15.03 -9.39 -9.43
CA LEU A 115 15.13 -10.02 -10.75
C LEU A 115 13.85 -10.77 -11.08
N ASP A 116 13.27 -11.52 -10.15
N ASP A 116 13.32 -11.55 -10.14
CA ASP A 116 12.09 -12.35 -10.47
CA ASP A 116 12.07 -12.32 -10.36
C ASP A 116 10.86 -11.44 -10.72
C ASP A 116 10.96 -11.37 -10.80
N THR A 117 10.75 -10.33 -10.01
CA THR A 117 9.65 -9.37 -10.24
C THR A 117 9.78 -8.79 -11.65
N VAL A 118 10.95 -8.34 -12.00
CA VAL A 118 11.13 -7.60 -13.27
C VAL A 118 11.10 -8.60 -14.42
N GLN A 119 11.84 -9.69 -14.35
CA GLN A 119 11.95 -10.63 -15.50
C GLN A 119 10.65 -11.37 -15.69
N GLY A 120 9.86 -11.54 -14.66
CA GLY A 120 8.56 -12.20 -14.80
C GLY A 120 7.54 -11.18 -15.20
N TYR A 121 6.96 -10.54 -14.20
N TYR A 121 6.92 -10.57 -14.21
CA TYR A 121 5.78 -9.64 -14.32
CA TYR A 121 5.76 -9.71 -14.47
C TYR A 121 6.09 -8.44 -15.23
C TYR A 121 6.19 -8.53 -15.36
N TYR A 122 7.15 -7.70 -14.98
CA TYR A 122 7.35 -6.44 -15.73
C TYR A 122 7.64 -6.73 -17.20
N MSE A 123 8.53 -7.68 -17.48
N MSE A 123 8.53 -7.67 -17.48
CA MSE A 123 8.93 -7.96 -18.86
CA MSE A 123 8.92 -7.87 -18.87
C MSE A 123 7.81 -8.68 -19.62
C MSE A 123 7.86 -8.71 -19.60
O MSE A 123 7.84 -8.73 -20.84
O MSE A 123 7.95 -8.85 -20.82
CB MSE A 123 10.23 -8.78 -18.93
CB MSE A 123 10.36 -8.40 -18.95
CG MSE A 123 11.46 -7.97 -18.61
CG MSE A 123 11.43 -7.49 -18.27
SE MSE A 123 11.71 -6.32 -19.68
SE MSE A 123 11.30 -5.51 -18.46
CE MSE A 123 11.35 -4.79 -18.48
CE MSE A 123 11.75 -5.07 -20.28
N SER A 124 6.79 -9.17 -18.92
CA SER A 124 5.63 -9.75 -19.62
C SER A 124 4.97 -8.67 -20.50
N ALA A 125 5.19 -7.38 -20.20
CA ALA A 125 4.65 -6.23 -20.98
C ALA A 125 5.61 -5.78 -22.08
N ASP A 126 6.77 -6.42 -22.24
CA ASP A 126 7.77 -6.03 -23.25
C ASP A 126 7.39 -6.67 -24.59
N ALA A 127 6.47 -6.02 -25.31
CA ALA A 127 5.77 -6.65 -26.45
C ALA A 127 6.73 -6.91 -27.60
N ASN A 128 7.77 -6.11 -27.75
CA ASN A 128 8.76 -6.24 -28.86
C ASN A 128 10.07 -6.88 -28.37
N LYS A 129 10.13 -7.30 -27.11
N LYS A 129 10.09 -7.40 -27.14
CA LYS A 129 11.27 -8.07 -26.52
CA LYS A 129 11.29 -8.03 -26.52
C LYS A 129 12.60 -7.32 -26.68
C LYS A 129 12.53 -7.24 -26.94
N ASP A 130 12.59 -5.98 -26.55
CA ASP A 130 13.84 -5.19 -26.71
C ASP A 130 14.47 -4.94 -25.32
N GLY A 131 13.95 -5.54 -24.24
CA GLY A 131 14.57 -5.50 -22.91
C GLY A 131 14.24 -4.21 -22.17
N LYS A 132 13.22 -3.50 -22.59
CA LYS A 132 12.84 -2.24 -21.92
C LYS A 132 11.37 -1.96 -22.22
N LEU A 133 10.78 -1.15 -21.36
CA LEU A 133 9.34 -0.77 -21.52
C LEU A 133 9.23 0.69 -21.92
N SER A 134 8.39 0.94 -22.91
CA SER A 134 7.86 2.29 -23.18
C SER A 134 6.77 2.60 -22.18
N LEU A 135 6.30 3.84 -22.14
CA LEU A 135 5.15 4.16 -21.29
C LEU A 135 3.97 3.30 -21.70
N ASP A 136 3.77 3.10 -22.99
CA ASP A 136 2.59 2.36 -23.47
C ASP A 136 2.63 0.88 -23.07
N GLU A 137 3.82 0.30 -22.96
CA GLU A 137 3.95 -1.07 -22.42
C GLU A 137 3.76 -1.03 -20.90
N PHE A 138 4.46 -0.13 -20.23
CA PHE A 138 4.42 -0.03 -18.77
C PHE A 138 3.00 0.10 -18.25
N LYS A 139 2.19 0.92 -18.90
CA LYS A 139 0.84 1.21 -18.35
C LYS A 139 -0.01 -0.05 -18.29
N THR A 140 0.29 -1.04 -19.11
CA THR A 140 -0.53 -2.26 -19.14
C THR A 140 -0.34 -3.05 -17.84
N LEU A 141 0.69 -2.76 -17.06
CA LEU A 141 0.97 -3.55 -15.82
C LEU A 141 -0.06 -3.20 -14.76
N TYR A 142 -0.85 -2.15 -14.96
CA TYR A 142 -1.89 -1.76 -13.99
C TYR A 142 -3.20 -2.50 -14.22
N SER A 143 -3.32 -3.32 -15.25
CA SER A 143 -4.59 -4.02 -15.55
C SER A 143 -4.34 -5.46 -15.96
N PRO A 144 -3.62 -6.28 -15.13
CA PRO A 144 -3.41 -7.69 -15.46
C PRO A 144 -4.71 -8.53 -15.47
N GLY B 1 -5.52 7.67 -6.31
CA GLY B 1 -4.24 7.79 -7.04
C GLY B 1 -3.72 6.45 -7.53
N VAL B 2 -2.58 6.45 -8.19
CA VAL B 2 -1.97 5.26 -8.83
C VAL B 2 -0.85 4.77 -7.93
N PRO B 3 -0.79 3.48 -7.58
CA PRO B 3 0.26 2.99 -6.70
C PRO B 3 1.55 2.71 -7.48
N PHE B 4 2.63 2.65 -6.72
CA PHE B 4 3.96 2.25 -7.21
C PHE B 4 3.99 0.73 -7.15
N LEU B 5 3.97 0.07 -8.30
CA LEU B 5 3.86 -1.41 -8.32
C LEU B 5 5.03 -2.07 -7.62
N THR B 6 6.21 -1.49 -7.68
CA THR B 6 7.38 -2.11 -7.03
C THR B 6 7.23 -2.09 -5.51
N GLU B 7 6.62 -1.03 -4.97
N GLU B 7 6.78 -1.00 -4.92
CA GLU B 7 6.27 -0.94 -3.52
CA GLU B 7 6.68 -1.01 -3.44
C GLU B 7 5.13 -1.92 -3.21
C GLU B 7 5.47 -1.89 -3.07
N LEU B 8 4.13 -2.05 -4.07
N LEU B 8 4.49 -2.05 -3.95
CA LEU B 8 3.12 -3.12 -3.87
CA LEU B 8 3.34 -2.98 -3.74
C LEU B 8 3.86 -4.45 -3.67
C LEU B 8 3.83 -4.44 -3.72
N LYS B 9 4.78 -4.78 -4.57
CA LYS B 9 5.37 -6.13 -4.56
CA LYS B 9 5.37 -6.13 -4.56
C LYS B 9 6.19 -6.33 -3.28
N GLU B 10 6.97 -5.33 -2.87
CA GLU B 10 7.79 -5.49 -1.64
C GLU B 10 6.85 -5.70 -0.45
N ARG B 11 5.74 -4.99 -0.40
CA ARG B 11 4.78 -5.14 0.73
C ARG B 11 4.13 -6.51 0.68
N PHE B 12 3.78 -6.99 -0.50
CA PHE B 12 3.18 -8.34 -0.66
C PHE B 12 4.16 -9.40 -0.12
N ILE B 13 5.43 -9.34 -0.51
CA ILE B 13 6.46 -10.28 -0.01
C ILE B 13 6.55 -10.15 1.50
N ARG B 14 6.64 -8.94 2.00
CA ARG B 14 6.89 -8.68 3.45
CA ARG B 14 6.92 -8.73 3.45
C ARG B 14 5.75 -9.27 4.27
N TRP B 15 4.52 -9.01 3.89
CA TRP B 15 3.35 -9.37 4.73
C TRP B 15 2.77 -10.72 4.39
N LEU B 16 2.70 -11.07 3.11
CA LEU B 16 1.83 -12.19 2.63
C LEU B 16 2.58 -13.33 1.94
N ASP B 17 3.81 -13.11 1.45
CA ASP B 17 4.47 -14.11 0.55
C ASP B 17 5.98 -14.04 0.75
N HIS B 18 6.45 -14.47 1.91
CA HIS B 18 7.89 -14.30 2.29
C HIS B 18 8.81 -14.98 1.29
N ASP B 19 8.37 -16.08 0.68
CA ASP B 19 9.15 -16.90 -0.27
C ASP B 19 9.09 -16.31 -1.69
N ASN B 20 8.27 -15.27 -1.93
CA ASN B 20 8.12 -14.63 -3.26
C ASN B 20 7.81 -15.66 -4.35
N ASP B 21 6.92 -16.63 -4.10
CA ASP B 21 6.48 -17.56 -5.18
C ASP B 21 5.30 -16.94 -5.95
N GLY B 22 4.81 -15.79 -5.54
CA GLY B 22 3.74 -15.04 -6.22
C GLY B 22 2.36 -15.31 -5.64
N GLN B 23 2.25 -16.14 -4.62
N GLN B 23 2.28 -16.17 -4.62
CA GLN B 23 0.92 -16.34 -4.01
CA GLN B 23 1.01 -16.63 -3.99
C GLN B 23 1.01 -16.45 -2.50
C GLN B 23 1.07 -16.40 -2.47
N SER B 24 -0.05 -15.99 -1.88
CA SER B 24 -0.27 -16.04 -0.44
C SER B 24 -1.35 -17.09 -0.19
N THR B 25 -0.92 -18.23 0.35
CA THR B 25 -1.79 -19.37 0.63
C THR B 25 -2.51 -19.15 1.96
N PHE B 26 -3.47 -20.01 2.24
CA PHE B 26 -4.28 -19.95 3.47
C PHE B 26 -3.37 -19.75 4.70
N ASP B 27 -2.34 -20.55 4.88
CA ASP B 27 -1.49 -20.47 6.09
C ASP B 27 -0.76 -19.13 6.12
N GLU B 28 -0.35 -18.61 4.98
CA GLU B 28 0.36 -17.32 4.92
C GLU B 28 -0.57 -16.17 5.27
N VAL B 29 -1.79 -16.21 4.76
CA VAL B 29 -2.80 -15.16 5.12
C VAL B 29 -3.12 -15.27 6.62
N LYS B 30 -3.28 -16.48 7.13
CA LYS B 30 -3.58 -16.66 8.57
C LYS B 30 -2.44 -16.08 9.41
N ASN B 31 -1.18 -16.33 9.02
N ASN B 31 -1.18 -16.37 9.05
CA ASN B 31 0.01 -15.83 9.76
CA ASN B 31 0.02 -15.82 9.74
C ASN B 31 0.07 -14.29 9.72
C ASN B 31 -0.08 -14.29 9.77
N TYR B 32 -0.37 -13.68 8.62
CA TYR B 32 -0.46 -12.22 8.49
C TYR B 32 -1.53 -11.68 9.43
N ILE B 33 -2.73 -12.22 9.38
CA ILE B 33 -3.85 -11.67 10.19
C ILE B 33 -3.60 -11.90 11.67
N ARG B 34 -3.08 -13.06 12.06
CA ARG B 34 -2.90 -13.41 13.48
C ARG B 34 -2.04 -12.36 14.18
N ARG B 35 -1.13 -11.70 13.49
CA ARG B 35 -0.27 -10.65 14.10
C ARG B 35 -1.14 -9.60 14.78
N PHE B 36 -2.27 -9.23 14.20
CA PHE B 36 -3.10 -8.13 14.79
C PHE B 36 -4.46 -8.66 15.27
N LYS B 37 -4.90 -9.85 14.87
CA LYS B 37 -6.08 -10.51 15.52
C LYS B 37 -5.72 -11.96 15.84
N PRO B 38 -5.02 -12.20 16.98
CA PRO B 38 -4.54 -13.54 17.31
C PRO B 38 -5.58 -14.66 17.24
N ASP B 39 -6.84 -14.38 17.58
CA ASP B 39 -7.90 -15.42 17.64
C ASP B 39 -8.67 -15.49 16.32
N VAL B 40 -8.16 -14.88 15.25
CA VAL B 40 -8.86 -14.92 13.94
C VAL B 40 -9.23 -16.38 13.62
N THR B 41 -10.43 -16.58 13.14
CA THR B 41 -10.92 -17.92 12.81
C THR B 41 -10.54 -18.31 11.39
N ASP B 42 -10.59 -19.60 11.10
CA ASP B 42 -10.36 -20.10 9.74
C ASP B 42 -11.43 -19.55 8.80
N GLN B 43 -12.66 -19.33 9.28
N GLN B 43 -12.68 -19.39 9.26
CA GLN B 43 -13.76 -18.82 8.44
CA GLN B 43 -13.76 -18.81 8.43
C GLN B 43 -13.42 -17.38 8.03
C GLN B 43 -13.30 -17.42 7.99
N THR B 44 -12.85 -16.60 8.94
CA THR B 44 -12.46 -15.21 8.64
C THR B 44 -11.28 -15.21 7.64
N VAL B 45 -10.29 -16.04 7.84
CA VAL B 45 -9.15 -16.12 6.88
C VAL B 45 -9.69 -16.51 5.49
N ALA B 46 -10.54 -17.50 5.44
CA ALA B 46 -11.10 -17.97 4.14
C ALA B 46 -11.87 -16.83 3.47
N ALA B 47 -12.58 -16.01 4.23
CA ALA B 47 -13.36 -14.90 3.65
C ALA B 47 -12.40 -13.82 3.15
N PHE B 48 -11.31 -13.59 3.84
CA PHE B 48 -10.30 -12.61 3.43
C PHE B 48 -9.77 -13.01 2.06
N ILE B 49 -9.43 -14.27 1.90
CA ILE B 49 -8.94 -14.80 0.61
C ILE B 49 -10.04 -14.71 -0.43
N SER B 50 -11.24 -15.18 -0.10
N SER B 50 -11.25 -15.18 -0.10
N SER B 50 -11.25 -15.17 -0.12
CA SER B 50 -12.38 -15.28 -1.05
CA SER B 50 -12.37 -15.28 -1.07
CA SER B 50 -12.30 -15.28 -1.16
C SER B 50 -12.67 -13.91 -1.66
C SER B 50 -12.67 -13.91 -1.67
C SER B 50 -12.67 -13.89 -1.69
N ARG B 51 -12.61 -12.86 -0.86
CA ARG B 51 -12.90 -11.49 -1.36
C ARG B 51 -11.93 -11.11 -2.49
N ARG B 52 -10.72 -11.63 -2.47
CA ARG B 52 -9.66 -11.23 -3.41
C ARG B 52 -9.44 -12.31 -4.49
N ASP B 53 -9.96 -13.52 -4.31
CA ASP B 53 -9.57 -14.71 -5.09
C ASP B 53 -10.43 -14.83 -6.35
N SER B 54 -10.21 -13.94 -7.30
CA SER B 54 -11.02 -13.89 -8.55
C SER B 54 -10.73 -15.08 -9.47
N ASN B 55 -9.65 -15.83 -9.30
CA ASN B 55 -9.42 -17.02 -10.13
C ASN B 55 -9.81 -18.30 -9.38
N GLY B 56 -10.28 -18.20 -8.14
CA GLY B 56 -10.79 -19.35 -7.39
C GLY B 56 -9.76 -20.43 -7.10
N ASN B 57 -8.48 -20.11 -6.98
CA ASN B 57 -7.45 -21.12 -6.70
C ASN B 57 -7.17 -21.23 -5.18
N GLY B 58 -7.89 -20.52 -4.32
CA GLY B 58 -7.73 -20.64 -2.86
C GLY B 58 -6.58 -19.85 -2.29
N ALA B 59 -5.91 -19.04 -3.09
CA ALA B 59 -4.74 -18.24 -2.67
C ALA B 59 -4.91 -16.84 -3.23
N ILE B 60 -4.23 -15.89 -2.63
CA ILE B 60 -4.15 -14.52 -3.18
C ILE B 60 -2.92 -14.48 -4.09
N ASP B 61 -3.13 -14.29 -5.38
CA ASP B 61 -2.05 -14.19 -6.37
C ASP B 61 -1.62 -12.73 -6.49
N PHE B 62 -0.33 -12.43 -6.45
CA PHE B 62 0.13 -11.04 -6.66
C PHE B 62 -0.45 -10.50 -7.97
N VAL B 63 -0.24 -11.26 -9.04
CA VAL B 63 -0.83 -10.99 -10.38
C VAL B 63 -1.90 -12.05 -10.60
N PRO B 64 -3.16 -11.70 -10.91
CA PRO B 64 -3.63 -10.32 -11.05
C PRO B 64 -4.28 -9.73 -9.79
N GLU B 65 -4.41 -10.51 -8.71
CA GLU B 65 -5.40 -10.22 -7.64
C GLU B 65 -4.91 -9.13 -6.70
N TYR B 66 -3.66 -9.17 -6.26
CA TYR B 66 -3.20 -8.13 -5.32
C TYR B 66 -3.05 -6.81 -6.09
N VAL B 67 -2.54 -6.84 -7.30
CA VAL B 67 -2.47 -5.62 -8.15
C VAL B 67 -3.88 -5.04 -8.27
N HIS B 68 -4.87 -5.85 -8.60
CA HIS B 68 -6.28 -5.37 -8.72
C HIS B 68 -6.74 -4.82 -7.37
N ASP B 69 -6.42 -5.49 -6.28
CA ASP B 69 -6.91 -5.11 -4.93
C ASP B 69 -6.35 -3.72 -4.59
N MSE B 70 -5.12 -3.41 -5.06
CA MSE B 70 -4.40 -2.23 -4.62
C MSE B 70 -4.27 -1.18 -5.72
O MSE B 70 -3.72 -0.10 -5.44
CB MSE B 70 -3.01 -2.64 -4.11
CG MSE B 70 -3.05 -3.68 -2.98
SE MSE B 70 -3.86 -2.97 -1.33
CE MSE B 70 -2.81 -1.42 -0.77
N ALA B 71 -4.74 -1.44 -6.94
CA ALA B 71 -4.69 -0.47 -8.03
C ALA B 71 -6.07 -0.20 -8.60
N ALA B 72 -7.11 -0.81 -8.01
CA ALA B 72 -8.52 -0.63 -8.41
C ALA B 72 -9.32 -0.28 -7.15
N PRO B 73 -10.37 0.55 -7.29
CA PRO B 73 -11.10 1.03 -6.11
C PRO B 73 -12.29 0.17 -5.67
N ASP B 74 -12.60 0.19 -4.36
CA ASP B 74 -13.94 -0.22 -3.83
C ASP B 74 -14.61 1.01 -3.22
N TYR B 75 -15.32 1.76 -4.06
CA TYR B 75 -16.00 3.03 -3.69
C TYR B 75 -17.10 2.77 -2.66
N THR B 76 -17.60 1.53 -2.56
CA THR B 76 -18.68 1.16 -1.60
C THR B 76 -18.12 1.13 -0.17
N LEU B 77 -16.81 0.92 -0.03
CA LEU B 77 -16.10 0.76 1.27
C LEU B 77 -16.64 -0.48 2.00
N GLU B 78 -17.37 -1.36 1.33
CA GLU B 78 -17.88 -2.60 1.96
C GLU B 78 -16.67 -3.42 2.43
N GLY B 79 -15.50 -3.21 1.79
CA GLY B 79 -14.21 -3.74 2.26
C GLY B 79 -13.85 -3.24 3.64
N ALA B 80 -14.33 -2.07 4.06
CA ALA B 80 -14.06 -1.54 5.42
C ALA B 80 -14.68 -2.46 6.46
N ASN B 81 -15.78 -3.14 6.16
CA ASN B 81 -16.41 -4.10 7.11
C ASN B 81 -15.37 -5.15 7.52
N GLU B 82 -14.56 -5.61 6.56
CA GLU B 82 -13.58 -6.66 6.85
C GLU B 82 -12.50 -6.10 7.79
N TRP B 83 -11.95 -4.92 7.52
CA TRP B 83 -10.94 -4.33 8.43
C TRP B 83 -11.53 -4.01 9.81
N PHE B 84 -12.79 -3.62 9.88
CA PHE B 84 -13.47 -3.39 11.19
C PHE B 84 -13.46 -4.68 12.00
N LYS B 85 -13.90 -5.80 11.38
CA LYS B 85 -13.97 -7.11 12.05
C LYS B 85 -12.58 -7.54 12.50
N LEU B 86 -11.54 -7.30 11.69
CA LEU B 86 -10.18 -7.76 12.06
C LEU B 86 -9.62 -6.88 13.19
N GLN B 87 -10.12 -5.66 13.36
CA GLN B 87 -9.66 -4.79 14.45
C GLN B 87 -10.52 -4.99 15.70
N ASP B 88 -11.65 -5.66 15.58
CA ASP B 88 -12.52 -5.96 16.74
C ASP B 88 -11.96 -7.21 17.45
N THR B 89 -10.93 -7.01 18.23
CA THR B 89 -10.05 -8.10 18.72
C THR B 89 -10.88 -9.14 19.49
N ASN B 90 -11.86 -8.69 20.27
CA ASN B 90 -12.64 -9.58 21.18
C ASN B 90 -14.03 -9.90 20.60
N ASP B 91 -14.36 -9.45 19.38
CA ASP B 91 -15.61 -9.79 18.65
C ASP B 91 -16.85 -9.30 19.42
N ASP B 92 -16.85 -8.06 19.87
CA ASP B 92 -18.00 -7.48 20.61
C ASP B 92 -18.67 -6.37 19.78
N SER B 93 -18.31 -6.21 18.50
CA SER B 93 -18.96 -5.33 17.49
C SER B 93 -18.54 -3.84 17.64
N PHE B 94 -17.58 -3.54 18.52
CA PHE B 94 -16.97 -2.19 18.58
C PHE B 94 -15.47 -2.32 18.55
N VAL B 95 -14.83 -1.25 18.12
N VAL B 95 -14.80 -1.34 17.98
CA VAL B 95 -13.36 -1.17 18.07
CA VAL B 95 -13.33 -1.23 18.11
C VAL B 95 -12.91 -0.07 19.06
C VAL B 95 -13.04 -0.12 19.12
N THR B 96 -12.42 -0.49 20.22
CA THR B 96 -12.05 0.49 21.28
C THR B 96 -10.75 1.19 20.91
N GLU B 97 -10.52 2.34 21.51
CA GLU B 97 -9.22 3.03 21.41
C GLU B 97 -8.11 2.03 21.70
N ALA B 98 -8.21 1.25 22.80
CA ALA B 98 -7.14 0.33 23.22
C ALA B 98 -6.92 -0.75 22.13
N GLU B 99 -7.98 -1.31 21.56
CA GLU B 99 -7.86 -2.33 20.49
C GLU B 99 -7.11 -1.72 19.29
N LEU B 100 -7.50 -0.51 18.87
CA LEU B 100 -6.86 0.18 17.72
C LEU B 100 -5.38 0.44 17.98
N VAL B 101 -5.02 0.85 19.19
CA VAL B 101 -3.60 1.12 19.55
C VAL B 101 -2.82 -0.21 19.49
N LYS B 102 -3.36 -1.29 20.05
CA LYS B 102 -2.64 -2.58 20.08
C LYS B 102 -2.44 -3.10 18.65
N VAL B 103 -3.44 -2.94 17.79
CA VAL B 103 -3.30 -3.35 16.36
C VAL B 103 -2.19 -2.50 15.71
N ALA B 104 -2.19 -1.19 15.95
CA ALA B 104 -1.18 -0.25 15.38
C ALA B 104 0.22 -0.71 15.83
N GLU B 105 0.39 -1.05 17.09
CA GLU B 105 1.71 -1.55 17.59
C GLU B 105 2.05 -2.86 16.89
N ALA B 106 1.06 -3.73 16.64
CA ALA B 106 1.27 -5.07 16.04
C ALA B 106 1.77 -4.92 14.60
N VAL B 107 1.30 -3.89 13.91
CA VAL B 107 1.63 -3.63 12.47
C VAL B 107 3.02 -2.98 12.36
N GLY B 108 3.65 -2.55 13.47
CA GLY B 108 5.06 -2.10 13.49
C GLY B 108 5.27 -0.68 14.02
N MSE B 109 4.17 0.00 14.41
CA MSE B 109 4.28 1.34 14.95
C MSE B 109 4.80 1.27 16.37
O MSE B 109 4.45 0.39 17.15
CB MSE B 109 2.94 2.06 14.90
CG MSE B 109 2.77 2.88 13.67
SE MSE B 109 1.11 3.86 13.71
CE MSE B 109 -0.05 2.92 12.44
N SER B 110 5.63 2.26 16.72
CA SER B 110 6.06 2.43 18.09
C SER B 110 4.84 2.71 18.97
N PRO B 111 4.91 2.42 20.30
CA PRO B 111 3.85 2.82 21.22
C PRO B 111 3.40 4.28 21.05
N GLU B 112 4.34 5.21 20.87
CA GLU B 112 4.04 6.65 20.70
C GLU B 112 3.29 6.87 19.38
N GLU B 113 3.80 6.32 18.29
CA GLU B 113 3.17 6.48 16.95
C GLU B 113 1.76 5.89 16.98
N ALA B 114 1.57 4.76 17.61
CA ALA B 114 0.27 4.06 17.70
C ALA B 114 -0.72 4.93 18.48
N LEU B 115 -0.32 5.45 19.63
CA LEU B 115 -1.20 6.27 20.47
C LEU B 115 -1.58 7.58 19.73
N ASP B 116 -0.63 8.23 19.04
N ASP B 116 -0.60 8.24 19.10
CA ASP B 116 -0.88 9.52 18.34
CA ASP B 116 -0.82 9.48 18.31
C ASP B 116 -1.80 9.30 17.14
C ASP B 116 -1.88 9.20 17.25
N THR B 117 -1.64 8.19 16.42
CA THR B 117 -2.51 7.80 15.27
C THR B 117 -3.96 7.62 15.75
N VAL B 118 -4.12 6.84 16.79
CA VAL B 118 -5.47 6.47 17.28
C VAL B 118 -6.11 7.67 17.97
N GLN B 119 -5.41 8.30 18.91
CA GLN B 119 -6.05 9.39 19.73
C GLN B 119 -6.31 10.61 18.85
N GLY B 120 -5.45 10.85 17.87
CA GLY B 120 -5.67 11.95 16.94
C GLY B 120 -6.75 11.55 15.98
N TYR B 121 -6.37 10.92 14.89
N TYR B 121 -6.32 10.94 14.88
CA TYR B 121 -7.25 10.77 13.71
CA TYR B 121 -7.10 10.66 13.64
C TYR B 121 -8.37 9.77 13.99
C TYR B 121 -8.31 9.79 13.97
N TYR B 122 -8.09 8.56 14.46
CA TYR B 122 -9.17 7.53 14.56
C TYR B 122 -10.31 8.00 15.47
N MSE B 123 -9.98 8.58 16.62
N MSE B 123 -9.95 8.58 16.63
CA MSE B 123 -11.04 8.90 17.57
CA MSE B 123 -10.96 8.97 17.62
C MSE B 123 -11.72 10.21 17.19
C MSE B 123 -11.74 10.19 17.16
O MSE B 123 -12.74 10.56 17.78
O MSE B 123 -12.81 10.47 17.70
CB MSE B 123 -10.50 8.85 18.99
CB MSE B 123 -10.32 9.23 18.99
CG MSE B 123 -9.81 7.52 19.36
CG MSE B 123 -10.02 7.97 19.79
SE MSE B 123 -10.85 5.89 18.94
SE MSE B 123 -11.60 6.79 20.01
CE MSE B 123 -12.37 5.91 20.15
CE MSE B 123 -11.67 5.59 18.46
N SER B 124 -11.25 10.91 16.14
CA SER B 124 -12.00 12.00 15.53
C SER B 124 -13.33 11.48 14.96
N ALA B 125 -13.46 10.18 14.66
CA ALA B 125 -14.71 9.57 14.15
C ALA B 125 -15.62 9.13 15.32
N ASP B 126 -15.16 9.23 16.56
CA ASP B 126 -15.95 8.81 17.75
C ASP B 126 -16.97 9.92 18.06
N ALA B 127 -18.09 9.95 17.35
CA ALA B 127 -19.01 11.11 17.35
C ALA B 127 -19.66 11.27 18.73
N ASN B 128 -19.94 10.17 19.40
CA ASN B 128 -20.65 10.18 20.70
C ASN B 128 -19.63 10.13 21.84
N LYS B 129 -18.33 10.13 21.55
CA LYS B 129 -17.23 10.15 22.54
C LYS B 129 -17.42 9.07 23.61
N ASP B 130 -17.75 7.85 23.21
CA ASP B 130 -17.85 6.71 24.17
C ASP B 130 -16.54 5.89 24.19
N GLY B 131 -15.49 6.33 23.50
CA GLY B 131 -14.17 5.67 23.52
C GLY B 131 -14.07 4.45 22.60
N LYS B 132 -15.01 4.29 21.68
CA LYS B 132 -14.98 3.16 20.72
C LYS B 132 -15.72 3.56 19.45
N LEU B 133 -15.40 2.86 18.35
CA LEU B 133 -16.03 3.11 17.04
C LEU B 133 -16.99 1.99 16.71
N SER B 134 -18.17 2.37 16.29
CA SER B 134 -19.12 1.50 15.59
C SER B 134 -18.59 1.30 14.18
N LEU B 135 -19.18 0.37 13.45
CA LEU B 135 -18.82 0.18 12.02
C LEU B 135 -19.05 1.47 11.23
N ASP B 136 -20.18 2.15 11.44
CA ASP B 136 -20.51 3.38 10.67
C ASP B 136 -19.49 4.47 10.98
N GLU B 137 -19.11 4.62 12.24
CA GLU B 137 -18.11 5.63 12.64
C GLU B 137 -16.78 5.30 11.95
N PHE B 138 -16.36 4.03 12.03
CA PHE B 138 -15.10 3.56 11.43
C PHE B 138 -15.07 3.88 9.93
N LYS B 139 -16.17 3.70 9.22
CA LYS B 139 -16.19 3.90 7.75
C LYS B 139 -15.94 5.36 7.38
N THR B 140 -16.27 6.32 8.24
CA THR B 140 -16.04 7.75 7.96
C THR B 140 -14.52 8.04 7.85
N LEU B 141 -13.68 7.23 8.47
CA LEU B 141 -12.20 7.46 8.45
C LEU B 141 -11.65 7.32 7.04
N TYR B 142 -12.37 6.66 6.14
CA TYR B 142 -11.94 6.49 4.72
C TYR B 142 -12.28 7.74 3.91
N SER B 143 -13.04 8.69 4.46
CA SER B 143 -13.49 9.93 3.78
C SER B 143 -13.16 11.16 4.63
N PRO B 144 -11.87 11.47 4.90
CA PRO B 144 -11.51 12.62 5.73
C PRO B 144 -11.76 13.97 5.05
SR SR C . 7.26 15.50 8.46
SR SR C . 7.76 14.53 9.06
SR SR D . -1.10 19.41 1.48
SR SR E . 15.88 4.71 -19.09
SR SR F . 9.75 -2.85 -25.39
SR SR G . 14.18 13.79 -11.98
SR SR H . 10.19 -13.96 -18.60
SR SR I . -5.18 -5.32 -19.34
SR SR J . 12.14 10.20 16.55
C1 EDO K . -4.49 0.62 -19.23
O1 EDO K . -5.27 -0.38 -19.87
C2 EDO K . -4.30 0.35 -17.80
O2 EDO K . -3.55 -0.84 -17.55
UNK UNX L . 9.54 16.76 9.13
SR SR M . 3.99 -18.12 -0.87
SR SR N . -6.26 -16.58 -6.49
SR SR O . -18.57 5.85 19.36
SR SR P . -14.01 -4.96 20.47
SR SR Q . -11.29 -14.10 21.78
SR SR R . -12.27 -13.69 13.36
SR SR S . -24.80 13.98 19.17
SR SR T . 3.99 -12.66 -9.43
C1 EDO U . 3.65 -21.37 0.41
O1 EDO U . 4.55 -20.33 0.56
C2 EDO U . 3.30 -21.60 -0.99
O2 EDO U . 2.96 -20.44 -1.77
UNK UNX V . 8.72 0.67 13.16
UNK UNX W . -16.21 13.02 4.62
#